data_6HH2
#
_entry.id   6HH2
#
_cell.length_a   71.960
_cell.length_b   71.960
_cell.length_c   86.348
_cell.angle_alpha   90.00
_cell.angle_beta   90.00
_cell.angle_gamma   120.00
#
_symmetry.space_group_name_H-M   'P 31 2 1'
#
loop_
_entity.id
_entity.type
_entity.pdbx_description
1 polymer 'Ras-related protein Rab-7L1'
2 non-polymer "GUANOSINE-5'-DIPHOSPHATE"
3 non-polymer 'MAGNESIUM ION'
4 water water
#
_entity_poly.entity_id   1
_entity_poly.type   'polypeptide(L)'
_entity_poly.pdbx_seq_one_letter_code
;GSHMGSRDHLFKVLVVGDAAVGKTSLVQRYSQDSFSKHYKSTVGVDFALKVLQWSDYEIVRLQLWDIAGLERFTSMTRLY
YRDASAAVIMFDVTNATTFSNSQRWKQDLDSKLTLPNGEPVPALLLANKSDLSPWAVSRDQIDRFSKENGFTGWTETSVK
ENKNINEAMRVLIEKMMRNS
;
_entity_poly.pdbx_strand_id   A
#
# COMPACT_ATOMS: atom_id res chain seq x y z
N ARG A 7 20.85 -14.32 -0.02
CA ARG A 7 20.43 -13.28 0.87
C ARG A 7 18.95 -13.09 0.72
N ASP A 8 18.26 -12.86 1.80
CA ASP A 8 16.84 -12.58 1.74
C ASP A 8 16.62 -11.15 2.23
N HIS A 9 15.83 -10.41 1.48
CA HIS A 9 15.43 -9.06 1.85
C HIS A 9 13.96 -9.13 2.18
N LEU A 10 13.60 -8.90 3.44
CA LEU A 10 12.22 -9.03 3.90
C LEU A 10 11.65 -7.63 4.13
N PHE A 11 10.51 -7.34 3.50
CA PHE A 11 9.84 -6.05 3.63
C PHE A 11 8.39 -6.25 4.06
N LYS A 12 7.99 -5.57 5.13
CA LYS A 12 6.59 -5.53 5.56
C LYS A 12 5.95 -4.29 4.98
N VAL A 13 4.91 -4.48 4.18
CA VAL A 13 4.26 -3.39 3.45
C VAL A 13 2.83 -3.27 3.99
N LEU A 14 2.47 -2.07 4.45
CA LEU A 14 1.11 -1.82 4.95
C LEU A 14 0.22 -1.39 3.80
N VAL A 15 -0.92 -2.06 3.62
CA VAL A 15 -1.93 -1.67 2.66
C VAL A 15 -3.10 -1.09 3.42
N VAL A 16 -3.23 0.22 3.40
CA VAL A 16 -4.18 0.96 4.23
C VAL A 16 -5.05 1.82 3.35
N GLY A 17 -6.11 2.33 3.93
CA GLY A 17 -7.11 3.09 3.20
C GLY A 17 -8.49 2.75 3.72
N ASP A 18 -9.45 3.56 3.32
CA ASP A 18 -10.81 3.37 3.84
C ASP A 18 -11.42 2.05 3.36
N ALA A 19 -12.50 1.63 4.00
CA ALA A 19 -13.27 0.52 3.47
C ALA A 19 -13.67 0.77 2.02
N ALA A 20 -13.66 -0.32 1.24
CA ALA A 20 -14.23 -0.40 -0.11
C ALA A 20 -13.40 0.32 -1.15
N VAL A 21 -12.12 0.57 -0.87
CA VAL A 21 -11.26 1.19 -1.88
C VAL A 21 -10.53 0.19 -2.74
N GLY A 22 -10.51 -1.08 -2.39
CA GLY A 22 -9.80 -2.10 -3.16
C GLY A 22 -8.60 -2.77 -2.48
N LYS A 23 -8.45 -2.65 -1.16
CA LYS A 23 -7.23 -3.15 -0.51
C LYS A 23 -7.16 -4.66 -0.57
N THR A 24 -8.20 -5.37 -0.11
CA THR A 24 -8.15 -6.84 -0.12
C THR A 24 -8.01 -7.33 -1.55
N SER A 25 -8.66 -6.66 -2.49
CA SER A 25 -8.53 -7.06 -3.89
C SER A 25 -7.07 -6.89 -4.38
N LEU A 26 -6.50 -5.77 -3.97
CA LEU A 26 -5.01 -5.64 -4.36
CA LEU A 26 -5.09 -5.68 -4.29
C LEU A 26 -4.06 -6.82 -3.78
N VAL A 27 -4.33 -7.10 -2.48
CA VAL A 27 -3.49 -8.14 -1.90
C VAL A 27 -3.77 -9.49 -2.55
N GLN A 28 -5.06 -9.78 -2.82
CA GLN A 28 -5.38 -11.06 -3.48
C GLN A 28 -4.76 -11.15 -4.85
N ARG A 29 -4.64 -10.03 -5.56
CA ARG A 29 -4.07 -10.08 -6.90
C ARG A 29 -2.54 -10.13 -6.88
N TYR A 30 -1.94 -9.37 -5.99
CA TYR A 30 -0.49 -9.18 -6.00
C TYR A 30 0.28 -10.18 -5.13
N SER A 31 -0.35 -10.79 -4.13
CA SER A 31 0.33 -11.80 -3.34
C SER A 31 0.48 -13.07 -4.15
N GLN A 32 1.14 -14.09 -3.57
CA GLN A 32 1.23 -15.35 -4.30
C GLN A 32 0.04 -16.24 -4.12
N ASP A 33 -1.03 -15.78 -3.49
CA ASP A 33 -2.09 -16.68 -3.05
C ASP A 33 -2.85 -17.32 -4.20
N SER A 34 -2.88 -16.66 -5.40
CA SER A 34 -3.53 -17.36 -6.51
C SER A 34 -2.65 -18.44 -7.15
N PHE A 35 -1.39 -18.56 -6.69
CA PHE A 35 -0.48 -19.60 -7.15
C PHE A 35 -0.33 -20.75 -6.17
N SER A 36 -0.24 -20.44 -4.86
CA SER A 36 -0.14 -21.49 -3.85
C SER A 36 -0.37 -20.86 -2.49
N LYS A 37 -1.19 -21.54 -1.70
CA LYS A 37 -1.47 -21.13 -0.32
C LYS A 37 -0.93 -22.12 0.70
N HIS A 38 -0.15 -23.10 0.26
CA HIS A 38 0.39 -24.11 1.16
C HIS A 38 1.12 -23.49 2.33
N TYR A 39 1.76 -22.36 2.10
CA TYR A 39 2.56 -21.72 3.14
C TYR A 39 1.73 -21.25 4.33
N LYS A 40 0.43 -20.97 4.16
CA LYS A 40 -0.31 -20.30 5.23
C LYS A 40 -0.40 -21.16 6.47
N SER A 41 -0.33 -22.47 6.31
CA SER A 41 -0.57 -23.32 7.48
C SER A 41 0.55 -23.17 8.52
N THR A 42 1.74 -22.75 8.13
CA THR A 42 2.85 -22.53 9.05
C THR A 42 3.26 -21.07 9.19
N VAL A 43 2.88 -20.20 8.25
CA VAL A 43 3.22 -18.78 8.33
C VAL A 43 2.10 -18.00 9.01
N GLY A 44 0.88 -18.53 8.98
CA GLY A 44 -0.30 -17.84 9.48
C GLY A 44 -0.96 -16.96 8.44
N VAL A 45 -1.81 -16.04 8.94
CA VAL A 45 -2.64 -15.22 8.08
C VAL A 45 -2.71 -13.74 8.50
N ASP A 46 -1.75 -13.26 9.31
CA ASP A 46 -1.72 -11.82 9.56
C ASP A 46 -1.36 -11.02 8.30
N PHE A 47 -0.78 -11.68 7.31
CA PHE A 47 -0.32 -11.02 6.09
C PHE A 47 -0.31 -12.08 5.00
N ALA A 48 -0.21 -11.64 3.75
CA ALA A 48 0.00 -12.56 2.62
C ALA A 48 1.42 -12.33 2.12
N LEU A 49 2.02 -13.36 1.54
CA LEU A 49 3.39 -13.25 1.06
C LEU A 49 3.44 -13.08 -0.47
N LYS A 50 4.51 -12.42 -0.92
CA LYS A 50 4.96 -12.51 -2.31
C LYS A 50 6.46 -12.69 -2.28
N VAL A 51 6.99 -13.60 -3.11
CA VAL A 51 8.41 -13.85 -3.09
C VAL A 51 8.92 -13.70 -4.52
N LEU A 52 10.02 -12.97 -4.71
CA LEU A 52 10.56 -12.69 -6.03
C LEU A 52 12.05 -12.96 -6.01
N GLN A 53 12.56 -13.61 -7.04
CA GLN A 53 14.01 -13.63 -7.22
C GLN A 53 14.44 -12.21 -7.54
N TRP A 54 15.52 -11.77 -6.89
CA TRP A 54 16.07 -10.44 -7.14
C TRP A 54 17.35 -10.49 -7.94
N SER A 55 18.22 -11.46 -7.64
CA SER A 55 19.45 -11.67 -8.39
C SER A 55 19.80 -13.14 -8.27
N ASP A 56 20.94 -13.56 -8.83
CA ASP A 56 21.28 -14.97 -8.71
C ASP A 56 21.40 -15.45 -7.26
N TYR A 57 21.65 -14.58 -6.28
CA TYR A 57 21.83 -15.07 -4.92
C TYR A 57 20.90 -14.40 -3.90
N GLU A 58 19.97 -13.57 -4.35
CA GLU A 58 19.10 -12.83 -3.44
C GLU A 58 17.64 -13.00 -3.81
N ILE A 59 16.79 -13.09 -2.80
CA ILE A 59 15.36 -12.99 -3.03
C ILE A 59 14.84 -11.80 -2.23
N VAL A 60 13.69 -11.29 -2.67
CA VAL A 60 12.88 -10.29 -1.96
C VAL A 60 11.59 -10.95 -1.51
N ARG A 61 11.26 -10.81 -0.25
CA ARG A 61 10.05 -11.40 0.33
C ARG A 61 9.21 -10.24 0.87
N LEU A 62 7.97 -10.13 0.40
CA LEU A 62 7.09 -9.07 0.87
C LEU A 62 5.99 -9.68 1.74
N GLN A 63 5.77 -9.11 2.92
CA GLN A 63 4.57 -9.36 3.72
C GLN A 63 3.59 -8.24 3.43
N LEU A 64 2.44 -8.58 2.87
CA LEU A 64 1.42 -7.61 2.53
C LEU A 64 0.36 -7.62 3.67
N TRP A 65 0.28 -6.51 4.43
CA TRP A 65 -0.55 -6.45 5.62
C TRP A 65 -1.77 -5.60 5.30
N ASP A 66 -2.96 -6.21 5.23
CA ASP A 66 -4.20 -5.48 4.95
C ASP A 66 -4.83 -5.03 6.29
N ILE A 67 -5.07 -3.71 6.43
CA ILE A 67 -5.60 -3.24 7.71
CA ILE A 67 -5.53 -3.26 7.77
C ILE A 67 -6.98 -3.81 8.01
N ALA A 68 -7.72 -4.23 6.98
CA ALA A 68 -8.88 -5.13 7.12
C ALA A 68 -9.87 -4.71 8.20
N GLY A 69 -10.04 -5.54 9.25
CA GLY A 69 -11.13 -5.32 10.22
C GLY A 69 -11.12 -3.96 10.92
N LEU A 70 -10.00 -3.27 11.00
CA LEU A 70 -9.99 -1.95 11.67
C LEU A 70 -9.87 -0.78 10.68
N GLU A 71 -10.16 -1.02 9.41
CA GLU A 71 -9.99 0.01 8.39
C GLU A 71 -10.88 1.21 8.60
N ARG A 72 -12.05 1.06 9.20
CA ARG A 72 -12.91 2.22 9.34
C ARG A 72 -12.48 3.16 10.45
N PHE A 73 -11.48 2.79 11.25
CA PHE A 73 -11.00 3.64 12.33
C PHE A 73 -9.92 4.62 11.91
N THR A 74 -9.38 4.48 10.71
CA THR A 74 -8.40 5.47 10.17
C THR A 74 -7.24 5.71 11.15
N SER A 75 -6.83 4.67 11.90
CA SER A 75 -5.74 4.81 12.86
C SER A 75 -5.19 3.42 13.08
N MET A 76 -3.90 3.22 12.78
CA MET A 76 -3.32 1.90 12.80
C MET A 76 -2.94 1.48 14.22
N THR A 77 -3.10 0.19 14.50
CA THR A 77 -2.66 -0.34 15.77
C THR A 77 -1.21 -0.82 15.70
N ARG A 78 -0.58 -0.86 16.87
CA ARG A 78 0.85 -1.18 16.96
C ARG A 78 1.21 -2.53 16.36
N LEU A 79 0.47 -3.61 16.66
CA LEU A 79 0.83 -4.89 16.03
C LEU A 79 0.76 -4.80 14.50
N TYR A 80 -0.20 -4.04 13.98
CA TYR A 80 -0.31 -3.86 12.54
C TYR A 80 0.88 -3.09 11.97
N TYR A 81 1.17 -1.88 12.53
CA TYR A 81 2.15 -1.03 11.80
C TYR A 81 3.60 -1.35 12.14
N ARG A 82 3.90 -2.05 13.22
CA ARG A 82 5.27 -2.11 13.72
C ARG A 82 6.19 -2.75 12.68
N ASP A 83 7.37 -2.13 12.53
CA ASP A 83 8.46 -2.65 11.71
C ASP A 83 8.18 -2.63 10.20
N ALA A 84 7.20 -1.87 9.76
CA ALA A 84 6.91 -1.79 8.32
C ALA A 84 7.99 -0.99 7.61
N SER A 85 8.22 -1.36 6.34
CA SER A 85 9.17 -0.68 5.46
C SER A 85 8.53 0.28 4.49
N ALA A 86 7.23 0.24 4.29
CA ALA A 86 6.55 1.13 3.34
C ALA A 86 5.07 1.01 3.58
N ALA A 87 4.33 1.99 3.07
CA ALA A 87 2.88 1.94 3.09
C ALA A 87 2.33 2.25 1.72
N VAL A 88 1.30 1.50 1.33
CA VAL A 88 0.49 1.77 0.16
C VAL A 88 -0.81 2.30 0.68
N ILE A 89 -1.12 3.56 0.43
CA ILE A 89 -2.35 4.22 0.90
C ILE A 89 -3.30 4.35 -0.27
N MET A 90 -4.41 3.63 -0.23
CA MET A 90 -5.35 3.53 -1.34
CA MET A 90 -5.27 3.50 -1.28
C MET A 90 -6.57 4.36 -1.10
N PHE A 91 -7.05 4.99 -2.16
CA PHE A 91 -8.35 5.63 -2.18
C PHE A 91 -9.10 5.24 -3.43
N ASP A 92 -10.41 5.51 -3.42
CA ASP A 92 -11.30 5.30 -4.57
C ASP A 92 -11.49 6.65 -5.27
N VAL A 93 -11.02 6.75 -6.53
CA VAL A 93 -11.16 8.03 -7.26
C VAL A 93 -12.58 8.58 -7.35
N THR A 94 -13.57 7.72 -7.17
CA THR A 94 -14.96 8.07 -7.31
C THR A 94 -15.57 8.51 -5.97
N ASN A 95 -14.81 8.47 -4.87
CA ASN A 95 -15.33 8.76 -3.52
C ASN A 95 -14.40 9.75 -2.83
N ALA A 96 -14.78 11.03 -2.83
CA ALA A 96 -13.88 12.05 -2.32
C ALA A 96 -13.60 11.90 -0.83
N THR A 97 -14.50 11.26 -0.07
CA THR A 97 -14.20 11.05 1.34
CA THR A 97 -14.12 11.02 1.40
C THR A 97 -12.99 10.14 1.53
N THR A 98 -12.86 9.11 0.67
CA THR A 98 -11.71 8.21 0.79
C THR A 98 -10.42 8.92 0.40
N PHE A 99 -10.54 9.92 -0.48
CA PHE A 99 -9.38 10.73 -0.85
C PHE A 99 -8.96 11.62 0.31
N SER A 100 -9.92 12.38 0.85
CA SER A 100 -9.64 13.19 2.03
CA SER A 100 -9.56 13.17 2.08
C SER A 100 -9.07 12.38 3.17
N ASN A 101 -9.65 11.19 3.43
CA ASN A 101 -9.15 10.39 4.55
C ASN A 101 -7.74 9.87 4.33
N SER A 102 -7.23 9.86 3.07
CA SER A 102 -5.85 9.42 2.86
CA SER A 102 -5.77 9.40 2.92
C SER A 102 -4.87 10.36 3.55
N GLN A 103 -5.28 11.61 3.78
CA GLN A 103 -4.45 12.53 4.55
C GLN A 103 -4.36 12.08 6.00
N ARG A 104 -5.46 11.62 6.55
CA ARG A 104 -5.44 11.13 7.93
C ARG A 104 -4.60 9.84 8.02
N TRP A 105 -4.74 8.94 7.03
CA TRP A 105 -3.90 7.75 7.05
C TRP A 105 -2.42 8.14 7.01
N LYS A 106 -2.05 9.12 6.15
CA LYS A 106 -0.63 9.47 6.06
C LYS A 106 -0.12 10.13 7.33
N GLN A 107 -0.92 11.04 7.92
CA GLN A 107 -0.54 11.65 9.19
C GLN A 107 -0.39 10.60 10.30
N ASP A 108 -1.27 9.59 10.30
CA ASP A 108 -1.16 8.51 11.29
C ASP A 108 0.13 7.74 11.09
N LEU A 109 0.45 7.39 9.83
CA LEU A 109 1.68 6.65 9.54
C LEU A 109 2.90 7.42 10.06
N ASP A 110 2.99 8.70 9.75
CA ASP A 110 4.16 9.44 10.15
C ASP A 110 4.22 9.72 11.65
N SER A 111 3.07 9.68 12.33
CA SER A 111 3.07 9.82 13.79
C SER A 111 3.53 8.56 14.51
N LYS A 112 3.47 7.40 13.83
CA LYS A 112 3.66 6.10 14.48
CA LYS A 112 3.69 6.12 14.50
C LYS A 112 4.96 5.40 14.12
N LEU A 113 5.54 5.69 12.97
CA LEU A 113 6.55 4.81 12.41
C LEU A 113 7.57 5.62 11.61
N THR A 114 8.83 5.29 11.83
CA THR A 114 9.91 5.69 10.93
C THR A 114 10.71 4.45 10.51
N LEU A 115 11.58 4.63 9.53
CA LEU A 115 12.60 3.64 9.27
C LEU A 115 13.59 3.59 10.44
N PRO A 116 14.40 2.53 10.51
CA PRO A 116 15.45 2.47 11.54
C PRO A 116 16.33 3.71 11.62
N ASN A 117 16.61 4.36 10.50
CA ASN A 117 17.46 5.55 10.50
C ASN A 117 16.72 6.82 10.92
N GLY A 118 15.43 6.72 11.28
CA GLY A 118 14.68 7.87 11.73
C GLY A 118 13.96 8.61 10.64
N GLU A 119 14.19 8.25 9.36
CA GLU A 119 13.54 8.92 8.26
C GLU A 119 12.14 8.34 8.00
N PRO A 120 11.28 9.10 7.31
CA PRO A 120 9.92 8.64 7.07
C PRO A 120 9.89 7.38 6.21
N VAL A 121 8.91 6.55 6.47
CA VAL A 121 8.67 5.37 5.66
C VAL A 121 8.16 5.81 4.28
N PRO A 122 8.62 5.24 3.16
CA PRO A 122 7.98 5.57 1.87
C PRO A 122 6.49 5.27 1.86
N ALA A 123 5.73 6.14 1.20
CA ALA A 123 4.27 6.07 1.14
C ALA A 123 3.83 6.32 -0.29
N LEU A 124 3.19 5.30 -0.90
CA LEU A 124 2.74 5.33 -2.29
C LEU A 124 1.22 5.49 -2.26
N LEU A 125 0.72 6.58 -2.83
CA LEU A 125 -0.70 6.85 -2.90
C LEU A 125 -1.28 6.24 -4.18
N LEU A 126 -2.25 5.33 -4.06
CA LEU A 126 -2.88 4.70 -5.21
C LEU A 126 -4.30 5.24 -5.39
N ALA A 127 -4.52 5.90 -6.52
CA ALA A 127 -5.84 6.40 -6.92
C ALA A 127 -6.50 5.25 -7.65
N ASN A 128 -7.18 4.41 -6.87
CA ASN A 128 -7.70 3.16 -7.40
C ASN A 128 -9.10 3.35 -7.99
N LYS A 129 -9.56 2.32 -8.72
CA LYS A 129 -10.83 2.32 -9.48
C LYS A 129 -10.79 3.34 -10.61
N SER A 130 -9.60 3.58 -11.19
CA SER A 130 -9.45 4.54 -12.27
C SER A 130 -10.31 4.21 -13.48
N ASP A 131 -10.74 2.94 -13.60
CA ASP A 131 -11.62 2.49 -14.69
C ASP A 131 -13.03 3.05 -14.59
N LEU A 132 -13.43 3.56 -13.42
CA LEU A 132 -14.76 4.11 -13.26
C LEU A 132 -14.83 5.56 -13.70
N SER A 133 -16.06 6.03 -13.93
CA SER A 133 -16.27 7.39 -14.39
C SER A 133 -17.66 7.82 -13.90
N PRO A 134 -17.83 9.08 -13.45
CA PRO A 134 -16.78 10.11 -13.36
C PRO A 134 -15.96 9.99 -12.08
N TRP A 135 -14.79 10.59 -12.05
CA TRP A 135 -14.05 10.68 -10.81
C TRP A 135 -14.56 11.85 -9.97
N ALA A 136 -14.29 11.78 -8.67
CA ALA A 136 -14.67 12.82 -7.74
C ALA A 136 -13.54 13.80 -7.46
N VAL A 137 -12.35 13.53 -8.01
CA VAL A 137 -11.19 14.39 -7.89
C VAL A 137 -10.52 14.46 -9.26
N SER A 138 -9.71 15.50 -9.46
CA SER A 138 -8.93 15.62 -10.68
C SER A 138 -7.48 15.20 -10.45
N ARG A 139 -6.77 14.92 -11.55
CA ARG A 139 -5.37 14.51 -11.40
C ARG A 139 -4.53 15.62 -10.83
N ASP A 140 -4.78 16.87 -11.24
CA ASP A 140 -4.02 17.98 -10.66
C ASP A 140 -4.26 18.08 -9.17
N GLN A 141 -5.53 17.91 -8.84
CA GLN A 141 -5.81 17.84 -7.29
CA GLN A 141 -5.80 17.79 -7.43
C GLN A 141 -5.01 16.66 -6.56
N ILE A 142 -4.97 15.52 -7.21
CA ILE A 142 -4.23 14.43 -6.58
C ILE A 142 -2.75 14.79 -6.42
N ASP A 143 -2.16 15.33 -7.47
CA ASP A 143 -0.75 15.66 -7.41
C ASP A 143 -0.46 16.70 -6.35
N ARG A 144 -1.26 17.77 -6.28
CA ARG A 144 -1.04 18.77 -5.24
C ARG A 144 -1.19 18.15 -3.85
N PHE A 145 -2.17 17.28 -3.69
CA PHE A 145 -2.39 16.61 -2.40
C PHE A 145 -1.22 15.71 -2.06
N SER A 146 -0.71 14.96 -3.04
CA SER A 146 0.40 14.06 -2.76
C SER A 146 1.60 14.86 -2.28
N LYS A 147 1.93 15.96 -2.97
CA LYS A 147 3.05 16.78 -2.56
C LYS A 147 2.81 17.46 -1.20
N GLU A 148 1.61 18.01 -0.98
CA GLU A 148 1.39 18.73 0.27
C GLU A 148 1.48 17.79 1.46
N ASN A 149 1.15 16.53 1.28
CA ASN A 149 1.12 15.56 2.38
C ASN A 149 2.36 14.69 2.47
N GLY A 150 3.38 14.96 1.66
CA GLY A 150 4.63 14.26 1.84
C GLY A 150 4.67 12.83 1.36
N PHE A 151 3.82 12.47 0.41
CA PHE A 151 3.90 11.14 -0.16
C PHE A 151 5.14 10.99 -1.02
N THR A 152 5.65 9.76 -1.12
CA THR A 152 6.76 9.51 -2.03
C THR A 152 6.29 9.70 -3.46
N GLY A 153 5.08 9.29 -3.77
CA GLY A 153 4.51 9.55 -5.09
C GLY A 153 3.12 9.00 -5.13
N TRP A 154 2.51 9.07 -6.31
CA TRP A 154 1.15 8.61 -6.52
C TRP A 154 1.00 8.12 -7.96
N THR A 155 0.03 7.20 -8.15
CA THR A 155 -0.37 6.83 -9.49
C THR A 155 -1.80 6.32 -9.47
N GLU A 156 -2.43 6.36 -10.62
CA GLU A 156 -3.74 5.77 -10.79
C GLU A 156 -3.58 4.29 -11.04
N THR A 157 -4.55 3.51 -10.53
CA THR A 157 -4.51 2.06 -10.71
C THR A 157 -5.94 1.57 -10.89
N SER A 158 -6.07 0.42 -11.54
CA SER A 158 -7.31 -0.34 -11.51
C SER A 158 -6.98 -1.74 -11.09
N VAL A 159 -7.33 -2.14 -9.83
CA VAL A 159 -7.12 -3.53 -9.46
C VAL A 159 -8.00 -4.41 -10.33
N LYS A 160 -9.22 -3.93 -10.64
CA LYS A 160 -10.16 -4.70 -11.44
C LYS A 160 -9.61 -5.06 -12.81
N GLU A 161 -8.99 -4.09 -13.50
CA GLU A 161 -8.44 -4.33 -14.84
C GLU A 161 -6.95 -4.64 -14.80
N ASN A 162 -6.38 -4.76 -13.61
CA ASN A 162 -4.95 -5.02 -13.42
C ASN A 162 -4.10 -3.96 -14.11
N LYS A 163 -4.52 -2.71 -14.03
CA LYS A 163 -3.81 -1.57 -14.63
C LYS A 163 -2.87 -0.95 -13.58
N ASN A 164 -1.59 -0.88 -13.93
CA ASN A 164 -0.52 -0.25 -13.14
CA ASN A 164 -0.54 -0.26 -13.14
C ASN A 164 -0.22 -0.95 -11.82
N ILE A 165 -0.84 -2.09 -11.50
CA ILE A 165 -0.63 -2.69 -10.19
C ILE A 165 0.79 -3.22 -10.05
N ASN A 166 1.19 -4.08 -10.98
CA ASN A 166 2.50 -4.69 -10.83
C ASN A 166 3.61 -3.65 -10.93
N GLU A 167 3.45 -2.66 -11.79
CA GLU A 167 4.52 -1.69 -11.97
C GLU A 167 4.60 -0.72 -10.79
N ALA A 168 3.46 -0.31 -10.26
CA ALA A 168 3.50 0.53 -9.05
C ALA A 168 4.18 -0.22 -7.91
N MET A 169 3.80 -1.50 -7.69
CA MET A 169 4.50 -2.25 -6.64
C MET A 169 5.97 -2.44 -6.93
N ARG A 170 6.33 -2.66 -8.21
CA ARG A 170 7.72 -2.88 -8.54
C ARG A 170 8.57 -1.67 -8.18
N VAL A 171 8.08 -0.45 -8.49
CA VAL A 171 8.92 0.72 -8.16
C VAL A 171 9.00 0.93 -6.65
N LEU A 172 7.96 0.53 -5.92
CA LEU A 172 8.06 0.57 -4.46
C LEU A 172 9.09 -0.43 -3.93
N ILE A 173 9.13 -1.65 -4.48
CA ILE A 173 10.16 -2.61 -4.08
C ILE A 173 11.54 -2.04 -4.33
N GLU A 174 11.74 -1.43 -5.49
CA GLU A 174 13.06 -0.92 -5.79
C GLU A 174 13.44 0.19 -4.83
N LYS A 175 12.46 0.97 -4.38
CA LYS A 175 12.77 2.01 -3.38
C LYS A 175 13.10 1.39 -2.03
N MET A 176 12.36 0.36 -1.62
CA MET A 176 12.67 -0.29 -0.35
C MET A 176 14.05 -0.93 -0.38
N MET A 177 14.45 -1.48 -1.54
CA MET A 177 15.81 -2.01 -1.66
C MET A 177 16.84 -0.90 -1.54
N ARG A 178 16.59 0.26 -2.17
CA ARG A 178 17.50 1.38 -2.07
C ARG A 178 17.62 1.87 -0.63
N ASN A 179 16.52 1.84 0.11
CA ASN A 179 16.56 2.29 1.49
C ASN A 179 17.16 1.26 2.44
N SER A 180 17.44 0.05 1.98
CA SER A 180 17.99 -1.02 2.82
C SER A 180 19.47 -0.82 3.14
#